data_5J3P
#
_entry.id   5J3P
#
_cell.length_a   92.545
_cell.length_b   92.545
_cell.length_c   119.075
_cell.angle_alpha   90.00
_cell.angle_beta   90.00
_cell.angle_gamma   120.00
#
_symmetry.space_group_name_H-M   'P 31 2 1'
#
loop_
_entity.id
_entity.type
_entity.pdbx_description
1 polymer 'Tyrosyl-DNA phosphodiesterase 2'
2 non-polymer 'MAGNESIUM ION'
3 non-polymer GLYCEROL
4 water water
#
_entity_poly.entity_id   1
_entity_poly.type   'polypeptide(L)'
_entity_poly.pdbx_seq_one_letter_code
;GSHMFSLITWNIDGLDLNNLSERARGVCSYLALYSPDVIFLQEVIPPYYSYLKKRSSNYEIITGHEEGYFTAIMLKKSRV
KLKSQEIIPFPSTKMMRNLLCVHVNVSGNELCLMTSHLESTRGHAAERMNQLKMVLKKMQEAPESATVIFAGDTNLRDRE
VTRSGGLPNNIVDVWEFLGKPKHCQYTWDTQMNSNLGITAACKLRFDRIFFRAAAEEGHIIPRSLDLLGLEKLDCGRFPS
DHWGLLCNLDIIL
;
_entity_poly.pdbx_strand_id   A,B
#
# COMPACT_ATOMS: atom_id res chain seq x y z
N HIS A 3 -34.06 -12.60 -12.90
CA HIS A 3 -34.12 -13.36 -11.65
C HIS A 3 -32.75 -13.45 -11.00
N MET A 4 -31.74 -13.79 -11.78
CA MET A 4 -30.36 -13.76 -11.34
C MET A 4 -29.70 -12.44 -11.69
N PHE A 5 -28.56 -12.19 -11.07
CA PHE A 5 -27.80 -10.96 -11.30
C PHE A 5 -26.35 -11.23 -10.94
N SER A 6 -25.43 -10.91 -11.85
CA SER A 6 -24.02 -11.19 -11.63
C SER A 6 -23.15 -10.03 -12.10
N LEU A 7 -22.08 -9.79 -11.34
CA LEU A 7 -21.05 -8.83 -11.69
C LEU A 7 -19.70 -9.51 -11.50
N ILE A 8 -18.70 -9.02 -12.24
CA ILE A 8 -17.34 -9.55 -12.13
C ILE A 8 -16.38 -8.37 -12.09
N THR A 9 -15.63 -8.25 -11.01
CA THR A 9 -14.61 -7.21 -10.86
C THR A 9 -13.23 -7.83 -11.06
N TRP A 10 -12.43 -7.20 -11.91
CA TRP A 10 -11.12 -7.76 -12.22
C TRP A 10 -10.15 -6.64 -12.55
N ASN A 11 -8.96 -6.73 -11.97
CA ASN A 11 -7.83 -5.86 -12.31
C ASN A 11 -6.95 -6.68 -13.26
N ILE A 12 -7.22 -6.55 -14.55
CA ILE A 12 -6.58 -7.39 -15.56
C ILE A 12 -5.08 -7.15 -15.68
N ASP A 13 -4.55 -6.14 -14.99
CA ASP A 13 -3.13 -5.80 -15.02
C ASP A 13 -2.67 -5.57 -16.46
N GLY A 14 -3.30 -4.60 -17.10
CA GLY A 14 -2.98 -4.27 -18.47
C GLY A 14 -1.60 -3.65 -18.64
N LEU A 15 -1.00 -3.19 -17.54
CA LEU A 15 0.33 -2.61 -17.62
C LEU A 15 1.41 -3.67 -17.85
N ASP A 16 1.14 -4.91 -17.47
CA ASP A 16 2.05 -6.02 -17.75
C ASP A 16 1.87 -6.42 -19.20
N LEU A 17 2.82 -6.02 -20.04
CA LEU A 17 2.72 -6.22 -21.49
C LEU A 17 3.05 -7.63 -21.92
N ASN A 18 3.61 -8.46 -21.05
CA ASN A 18 4.09 -9.78 -21.42
C ASN A 18 2.92 -10.74 -21.59
N ASN A 19 2.83 -11.37 -22.77
CA ASN A 19 1.78 -12.34 -23.08
C ASN A 19 0.39 -11.73 -22.94
N LEU A 20 0.27 -10.43 -23.23
CA LEU A 20 -1.00 -9.74 -23.04
C LEU A 20 -2.09 -10.29 -23.94
N SER A 21 -1.74 -10.82 -25.11
CA SER A 21 -2.75 -11.34 -26.03
C SER A 21 -3.43 -12.57 -25.44
N GLU A 22 -2.64 -13.55 -24.99
CA GLU A 22 -3.21 -14.75 -24.39
C GLU A 22 -3.95 -14.44 -23.09
N ARG A 23 -3.46 -13.46 -22.33
CA ARG A 23 -4.14 -13.06 -21.11
C ARG A 23 -5.51 -12.45 -21.41
N ALA A 24 -5.57 -11.58 -22.42
CA ALA A 24 -6.85 -11.01 -22.81
C ALA A 24 -7.80 -12.08 -23.34
N ARG A 25 -7.28 -13.05 -24.10
CA ARG A 25 -8.11 -14.14 -24.58
C ARG A 25 -8.64 -14.98 -23.41
N GLY A 26 -7.82 -15.20 -22.39
CA GLY A 26 -8.28 -15.96 -21.23
C GLY A 26 -9.33 -15.22 -20.43
N VAL A 27 -9.10 -13.93 -20.17
CA VAL A 27 -10.09 -13.12 -19.44
C VAL A 27 -11.40 -13.08 -20.21
N CYS A 28 -11.33 -12.90 -21.54
CA CYS A 28 -12.54 -12.90 -22.35
C CYS A 28 -13.22 -14.26 -22.31
N SER A 29 -12.44 -15.35 -22.20
CA SER A 29 -13.05 -16.67 -22.06
C SER A 29 -13.80 -16.79 -20.74
N TYR A 30 -13.22 -16.26 -19.66
CA TYR A 30 -13.91 -16.30 -18.37
C TYR A 30 -15.19 -15.47 -18.41
N LEU A 31 -15.10 -14.26 -18.97
CA LEU A 31 -16.28 -13.40 -19.05
C LEU A 31 -17.37 -14.02 -19.92
N ALA A 32 -16.98 -14.68 -21.02
CA ALA A 32 -17.96 -15.33 -21.86
C ALA A 32 -18.56 -16.56 -21.20
N LEU A 33 -17.78 -17.26 -20.37
CA LEU A 33 -18.29 -18.46 -19.71
C LEU A 33 -19.26 -18.11 -18.60
N TYR A 34 -18.85 -17.25 -17.66
CA TYR A 34 -19.76 -16.86 -16.59
C TYR A 34 -20.92 -16.04 -17.12
N SER A 35 -20.70 -15.27 -18.18
CA SER A 35 -21.70 -14.37 -18.75
C SER A 35 -22.34 -13.49 -17.68
N PRO A 36 -21.55 -12.65 -17.00
CA PRO A 36 -22.12 -11.79 -15.97
C PRO A 36 -22.95 -10.67 -16.58
N ASP A 37 -23.69 -9.98 -15.72
CA ASP A 37 -24.50 -8.86 -16.17
C ASP A 37 -23.75 -7.54 -16.14
N VAL A 38 -22.84 -7.37 -15.17
CA VAL A 38 -22.04 -6.16 -15.06
C VAL A 38 -20.58 -6.57 -14.88
N ILE A 39 -19.68 -5.88 -15.58
CA ILE A 39 -18.25 -6.18 -15.50
C ILE A 39 -17.50 -4.90 -15.15
N PHE A 40 -16.84 -4.90 -14.00
CA PHE A 40 -15.95 -3.82 -13.59
C PHE A 40 -14.51 -4.24 -13.86
N LEU A 41 -13.82 -3.47 -14.70
CA LEU A 41 -12.43 -3.77 -15.07
C LEU A 41 -11.53 -2.60 -14.69
N GLN A 42 -10.36 -2.92 -14.16
CA GLN A 42 -9.38 -1.92 -13.77
C GLN A 42 -8.07 -2.14 -14.51
N GLU A 43 -7.33 -1.04 -14.70
CA GLU A 43 -6.02 -1.05 -15.33
C GLU A 43 -6.11 -1.56 -16.77
N VAL A 44 -6.97 -0.90 -17.55
CA VAL A 44 -7.22 -1.26 -18.94
C VAL A 44 -6.49 -0.28 -19.84
N ILE A 45 -5.75 -0.82 -20.81
CA ILE A 45 -5.02 0.01 -21.77
C ILE A 45 -5.80 0.01 -23.08
N PRO A 46 -5.57 0.99 -23.97
CA PRO A 46 -6.36 1.07 -25.21
C PRO A 46 -6.30 -0.20 -26.05
N PRO A 47 -5.13 -0.86 -26.20
CA PRO A 47 -5.15 -2.13 -26.94
C PRO A 47 -6.03 -3.20 -26.30
N TYR A 48 -5.92 -3.35 -24.98
CA TYR A 48 -6.76 -4.28 -24.26
C TYR A 48 -8.23 -3.94 -24.45
N TYR A 49 -8.56 -2.64 -24.45
CA TYR A 49 -9.94 -2.23 -24.69
C TYR A 49 -10.38 -2.56 -26.10
N SER A 50 -9.47 -2.51 -27.07
CA SER A 50 -9.82 -2.88 -28.44
C SER A 50 -10.10 -4.38 -28.53
N TYR A 51 -9.30 -5.20 -27.86
CA TYR A 51 -9.56 -6.64 -27.85
C TYR A 51 -10.87 -6.96 -27.13
N LEU A 52 -11.16 -6.23 -26.06
CA LEU A 52 -12.41 -6.46 -25.33
C LEU A 52 -13.61 -6.07 -26.17
N LYS A 53 -13.58 -4.90 -26.81
CA LYS A 53 -14.67 -4.49 -27.68
C LYS A 53 -14.81 -5.42 -28.87
N LYS A 54 -13.72 -6.02 -29.33
CA LYS A 54 -13.80 -6.96 -30.44
C LYS A 54 -14.39 -8.30 -30.01
N ARG A 55 -14.09 -8.75 -28.79
CA ARG A 55 -14.55 -10.05 -28.33
C ARG A 55 -15.92 -10.01 -27.68
N SER A 56 -16.28 -8.90 -27.05
CA SER A 56 -17.55 -8.78 -26.32
C SER A 56 -18.42 -7.76 -27.04
N SER A 57 -19.27 -8.27 -27.94
CA SER A 57 -20.17 -7.41 -28.70
C SER A 57 -21.50 -7.18 -28.00
N ASN A 58 -21.94 -8.14 -27.18
CA ASN A 58 -23.20 -8.04 -26.45
C ASN A 58 -23.08 -7.18 -25.19
N TYR A 59 -21.96 -6.50 -24.99
CA TYR A 59 -21.75 -5.63 -23.84
C TYR A 59 -21.48 -4.21 -24.31
N GLU A 60 -22.08 -3.25 -23.61
CA GLU A 60 -21.79 -1.84 -23.82
C GLU A 60 -20.69 -1.44 -22.84
N ILE A 61 -19.56 -0.97 -23.36
CA ILE A 61 -18.38 -0.68 -22.56
C ILE A 61 -18.25 0.82 -22.39
N ILE A 62 -18.24 1.27 -21.13
CA ILE A 62 -18.01 2.66 -20.79
C ILE A 62 -16.60 2.77 -20.20
N THR A 63 -15.78 3.63 -20.80
CA THR A 63 -14.39 3.78 -20.38
C THR A 63 -14.25 4.92 -19.38
N GLY A 64 -13.28 4.78 -18.49
CA GLY A 64 -13.00 5.80 -17.49
C GLY A 64 -12.09 6.90 -17.97
N HIS A 65 -11.40 6.67 -19.08
CA HIS A 65 -10.51 7.67 -19.67
C HIS A 65 -10.25 7.26 -21.12
N GLU A 66 -9.13 7.72 -21.68
CA GLU A 66 -8.78 7.38 -23.06
C GLU A 66 -7.31 7.02 -23.18
N GLU A 67 -6.43 7.82 -22.57
CA GLU A 67 -5.00 7.59 -22.63
C GLU A 67 -4.50 6.94 -21.35
N GLY A 68 -3.38 6.23 -21.46
CA GLY A 68 -2.83 5.55 -20.31
C GLY A 68 -3.65 4.33 -19.96
N TYR A 69 -3.89 4.14 -18.66
CA TYR A 69 -4.77 3.08 -18.17
C TYR A 69 -5.97 3.70 -17.49
N PHE A 70 -7.06 2.95 -17.46
CA PHE A 70 -8.32 3.45 -16.93
C PHE A 70 -9.22 2.27 -16.56
N THR A 71 -10.35 2.60 -15.94
CA THR A 71 -11.36 1.60 -15.61
C THR A 71 -12.37 1.49 -16.73
N ALA A 72 -13.21 0.47 -16.64
CA ALA A 72 -14.25 0.24 -17.64
C ALA A 72 -15.41 -0.52 -17.00
N ILE A 73 -16.62 -0.20 -17.46
CA ILE A 73 -17.82 -0.85 -16.99
C ILE A 73 -18.57 -1.40 -18.18
N MET A 74 -18.74 -2.72 -18.22
CA MET A 74 -19.43 -3.41 -19.29
C MET A 74 -20.82 -3.81 -18.83
N LEU A 75 -21.84 -3.46 -19.61
CA LEU A 75 -23.23 -3.73 -19.29
C LEU A 75 -23.80 -4.68 -20.33
N LYS A 76 -24.37 -5.79 -19.86
CA LYS A 76 -25.02 -6.74 -20.76
C LYS A 76 -26.22 -6.06 -21.42
N LYS A 77 -26.11 -5.79 -22.72
CA LYS A 77 -27.14 -5.01 -23.42
C LYS A 77 -28.49 -5.73 -23.41
N SER A 78 -28.48 -7.07 -23.33
CA SER A 78 -29.71 -7.85 -23.37
C SER A 78 -30.47 -7.84 -22.05
N ARG A 79 -29.99 -7.15 -21.03
CA ARG A 79 -30.65 -7.18 -19.73
C ARG A 79 -30.41 -5.89 -18.93
N VAL A 80 -29.32 -5.20 -19.20
CA VAL A 80 -28.96 -3.98 -18.49
C VAL A 80 -29.12 -2.81 -19.45
N LYS A 81 -29.95 -1.84 -19.07
CA LYS A 81 -30.29 -0.70 -19.90
C LYS A 81 -29.60 0.55 -19.34
N LEU A 82 -28.64 1.08 -20.09
CA LEU A 82 -27.91 2.26 -19.66
C LEU A 82 -28.82 3.48 -19.59
N LYS A 83 -28.70 4.25 -18.51
CA LYS A 83 -29.51 5.44 -18.29
C LYS A 83 -28.66 6.70 -18.22
N SER A 84 -27.57 6.68 -17.46
CA SER A 84 -26.73 7.85 -17.31
C SER A 84 -25.29 7.41 -17.00
N GLN A 85 -24.37 8.35 -17.14
CA GLN A 85 -22.97 8.09 -16.87
C GLN A 85 -22.31 9.38 -16.39
N GLU A 86 -21.39 9.23 -15.43
CA GLU A 86 -20.67 10.37 -14.87
C GLU A 86 -19.30 9.92 -14.41
N ILE A 87 -18.26 10.63 -14.86
CA ILE A 87 -16.88 10.34 -14.48
C ILE A 87 -16.49 11.39 -13.45
N ILE A 88 -16.44 10.98 -12.18
CA ILE A 88 -16.09 11.87 -11.08
C ILE A 88 -14.57 11.82 -10.90
N PRO A 89 -13.84 12.88 -11.20
CA PRO A 89 -12.38 12.84 -11.06
C PRO A 89 -11.94 13.17 -9.65
N PHE A 90 -10.93 12.44 -9.19
CA PHE A 90 -10.42 12.66 -7.85
C PHE A 90 -9.62 13.96 -7.79
N PRO A 91 -9.55 14.61 -6.62
CA PRO A 91 -8.80 15.87 -6.52
C PRO A 91 -7.30 15.66 -6.58
N SER A 92 -6.67 15.48 -5.41
CA SER A 92 -5.21 15.36 -5.32
C SER A 92 -4.73 13.98 -5.76
N THR A 93 -5.10 13.62 -6.99
CA THR A 93 -4.73 12.31 -7.55
C THR A 93 -3.41 12.44 -8.31
N LYS A 94 -2.41 11.66 -7.89
CA LYS A 94 -1.10 11.66 -8.52
C LYS A 94 -0.92 10.48 -9.46
N MET A 95 -2.01 9.80 -9.84
CA MET A 95 -1.90 8.63 -10.70
C MET A 95 -2.96 8.60 -11.78
N MET A 96 -3.70 9.69 -12.01
CA MET A 96 -4.70 9.78 -13.07
C MET A 96 -5.78 8.71 -12.90
N ARG A 97 -6.37 8.66 -11.70
CA ARG A 97 -7.42 7.71 -11.38
C ARG A 97 -8.69 8.49 -11.00
N ASN A 98 -9.83 7.91 -11.33
CA ASN A 98 -11.11 8.57 -11.06
C ASN A 98 -12.17 7.52 -10.81
N LEU A 99 -13.30 7.97 -10.28
CA LEU A 99 -14.44 7.10 -10.00
C LEU A 99 -15.39 7.14 -11.19
N LEU A 100 -15.67 5.96 -11.76
CA LEU A 100 -16.59 5.84 -12.89
C LEU A 100 -17.94 5.40 -12.35
N CYS A 101 -18.94 6.28 -12.46
CA CYS A 101 -20.29 6.00 -12.03
C CYS A 101 -21.20 5.86 -13.25
N VAL A 102 -22.07 4.84 -13.22
CA VAL A 102 -22.96 4.55 -14.32
C VAL A 102 -24.32 4.19 -13.74
N HIS A 103 -25.32 5.01 -14.02
CA HIS A 103 -26.69 4.76 -13.58
C HIS A 103 -27.43 3.92 -14.63
N VAL A 104 -27.96 2.78 -14.21
CA VAL A 104 -28.57 1.81 -15.11
C VAL A 104 -29.91 1.38 -14.53
N ASN A 105 -30.62 0.56 -15.30
CA ASN A 105 -31.90 0.00 -14.89
C ASN A 105 -31.93 -1.46 -15.30
N VAL A 106 -32.13 -2.35 -14.34
CA VAL A 106 -32.17 -3.79 -14.58
C VAL A 106 -33.53 -4.29 -14.13
N SER A 107 -34.24 -4.99 -15.01
CA SER A 107 -35.62 -5.43 -14.80
C SER A 107 -36.42 -4.17 -14.48
N GLY A 108 -37.00 -4.02 -13.29
CA GLY A 108 -37.69 -2.81 -12.91
C GLY A 108 -36.98 -1.98 -11.88
N ASN A 109 -35.76 -2.34 -11.51
CA ASN A 109 -35.02 -1.67 -10.44
C ASN A 109 -33.95 -0.75 -11.00
N GLU A 110 -33.75 0.39 -10.34
CA GLU A 110 -32.71 1.34 -10.67
C GLU A 110 -31.43 0.97 -9.93
N LEU A 111 -30.29 1.17 -10.61
CA LEU A 111 -29.00 0.82 -10.03
C LEU A 111 -27.98 1.91 -10.32
N CYS A 112 -26.99 2.00 -9.44
CA CYS A 112 -25.87 2.93 -9.58
C CYS A 112 -24.58 2.14 -9.44
N LEU A 113 -24.01 1.73 -10.57
CA LEU A 113 -22.80 0.91 -10.57
C LEU A 113 -21.58 1.80 -10.59
N MET A 114 -20.72 1.66 -9.58
CA MET A 114 -19.52 2.46 -9.45
C MET A 114 -18.28 1.57 -9.45
N THR A 115 -17.23 2.05 -10.13
CA THR A 115 -15.95 1.38 -10.11
C THR A 115 -14.85 2.42 -9.93
N SER A 116 -13.69 1.96 -9.45
CA SER A 116 -12.57 2.86 -9.24
C SER A 116 -11.31 2.02 -9.09
N HIS A 117 -10.16 2.70 -9.23
CA HIS A 117 -8.85 2.07 -9.10
C HIS A 117 -8.03 3.05 -8.26
N LEU A 118 -8.14 2.90 -6.93
CA LEU A 118 -7.53 3.86 -6.01
C LEU A 118 -6.01 3.83 -6.11
N GLU A 119 -5.38 4.77 -5.40
CA GLU A 119 -3.94 4.92 -5.44
C GLU A 119 -3.25 3.61 -5.08
N SER A 120 -2.28 3.21 -5.89
CA SER A 120 -1.64 1.92 -5.73
C SER A 120 -0.61 1.96 -4.60
N THR A 121 0.20 0.92 -4.50
CA THR A 121 1.15 0.80 -3.39
C THR A 121 2.23 1.87 -3.44
N ARG A 122 2.55 2.35 -4.64
CA ARG A 122 3.63 3.32 -4.81
C ARG A 122 3.22 4.74 -4.48
N GLY A 123 1.93 5.03 -4.38
CA GLY A 123 1.44 6.38 -4.15
C GLY A 123 1.41 6.78 -2.69
N HIS A 124 0.42 7.62 -2.36
CA HIS A 124 0.23 8.13 -1.01
C HIS A 124 -0.99 7.44 -0.41
N ALA A 125 -0.77 6.67 0.67
CA ALA A 125 -1.88 5.97 1.31
C ALA A 125 -2.94 6.93 1.83
N ALA A 126 -2.52 8.12 2.25
CA ALA A 126 -3.49 9.12 2.71
C ALA A 126 -4.43 9.51 1.59
N GLU A 127 -3.90 9.67 0.37
CA GLU A 127 -4.77 9.96 -0.77
C GLU A 127 -5.66 8.78 -1.12
N ARG A 128 -5.19 7.55 -0.90
CA ARG A 128 -6.07 6.39 -1.07
C ARG A 128 -7.22 6.43 -0.08
N MET A 129 -6.94 6.80 1.17
CA MET A 129 -8.01 6.95 2.15
C MET A 129 -8.97 8.05 1.76
N ASN A 130 -8.45 9.18 1.30
CA ASN A 130 -9.30 10.28 0.85
C ASN A 130 -10.20 9.85 -0.30
N GLN A 131 -9.64 9.10 -1.26
CA GLN A 131 -10.45 8.61 -2.37
C GLN A 131 -11.51 7.63 -1.90
N LEU A 132 -11.18 6.82 -0.88
CA LEU A 132 -12.19 5.94 -0.31
C LEU A 132 -13.33 6.75 0.32
N LYS A 133 -12.99 7.80 1.05
CA LYS A 133 -14.03 8.66 1.63
C LYS A 133 -14.87 9.32 0.54
N MET A 134 -14.25 9.68 -0.58
CA MET A 134 -15.02 10.27 -1.68
C MET A 134 -15.95 9.25 -2.31
N VAL A 135 -15.50 7.99 -2.42
CA VAL A 135 -16.34 6.95 -2.98
C VAL A 135 -17.53 6.68 -2.07
N LEU A 136 -17.29 6.58 -0.76
CA LEU A 136 -18.39 6.34 0.17
C LEU A 136 -19.35 7.51 0.21
N LYS A 137 -18.84 8.75 0.18
CA LYS A 137 -19.70 9.92 0.19
C LYS A 137 -20.57 9.97 -1.07
N LYS A 138 -19.94 9.73 -2.23
CA LYS A 138 -20.71 9.67 -3.46
C LYS A 138 -21.69 8.50 -3.47
N MET A 139 -21.41 7.46 -2.69
CA MET A 139 -22.37 6.36 -2.57
C MET A 139 -23.57 6.77 -1.74
N GLN A 140 -23.34 7.47 -0.63
CA GLN A 140 -24.44 7.90 0.23
C GLN A 140 -25.29 8.97 -0.44
N GLU A 141 -24.66 9.87 -1.19
CA GLU A 141 -25.38 10.98 -1.81
C GLU A 141 -26.07 10.60 -3.10
N ALA A 142 -26.10 9.32 -3.45
CA ALA A 142 -26.83 8.86 -4.62
C ALA A 142 -28.34 9.02 -4.38
N PRO A 143 -29.14 9.04 -5.46
CA PRO A 143 -30.59 9.17 -5.29
C PRO A 143 -31.14 8.07 -4.40
N GLU A 144 -32.09 8.44 -3.54
CA GLU A 144 -32.66 7.52 -2.57
C GLU A 144 -33.66 6.56 -3.20
N SER A 145 -33.47 6.21 -4.47
CA SER A 145 -34.34 5.27 -5.15
C SER A 145 -33.61 4.14 -5.86
N ALA A 146 -32.30 4.26 -6.09
CA ALA A 146 -31.52 3.26 -6.80
C ALA A 146 -30.68 2.45 -5.83
N THR A 147 -30.23 1.29 -6.30
CA THR A 147 -29.36 0.41 -5.53
C THR A 147 -27.93 0.67 -5.97
N VAL A 148 -27.12 1.22 -5.07
CA VAL A 148 -25.74 1.58 -5.37
C VAL A 148 -24.85 0.37 -5.11
N ILE A 149 -24.04 0.02 -6.10
CA ILE A 149 -23.11 -1.10 -6.00
C ILE A 149 -21.76 -0.63 -6.52
N PHE A 150 -20.80 -0.48 -5.61
CA PHE A 150 -19.42 -0.20 -5.98
C PHE A 150 -18.65 -1.51 -6.02
N ALA A 151 -17.63 -1.55 -6.89
CA ALA A 151 -16.80 -2.74 -7.01
C ALA A 151 -15.53 -2.43 -7.78
N GLY A 152 -14.38 -2.65 -7.16
CA GLY A 152 -13.14 -2.36 -7.86
C GLY A 152 -11.93 -2.66 -6.99
N ASP A 153 -10.77 -2.32 -7.52
CA ASP A 153 -9.51 -2.51 -6.83
C ASP A 153 -9.28 -1.33 -5.90
N THR A 154 -9.48 -1.54 -4.60
CA THR A 154 -9.35 -0.46 -3.63
C THR A 154 -7.91 -0.27 -3.17
N ASN A 155 -7.06 -1.28 -3.32
CA ASN A 155 -5.66 -1.25 -2.89
C ASN A 155 -5.51 -0.97 -1.39
N LEU A 156 -6.54 -1.26 -0.59
CA LEU A 156 -6.49 -0.91 0.82
C LEU A 156 -5.73 -1.98 1.61
N ARG A 157 -5.07 -1.53 2.68
CA ARG A 157 -4.31 -2.42 3.55
C ARG A 157 -4.11 -1.73 4.89
N ASP A 158 -3.57 -2.47 5.85
CA ASP A 158 -3.13 -1.92 7.13
C ASP A 158 -4.24 -1.14 7.82
N ARG A 159 -5.46 -1.69 7.78
CA ARG A 159 -6.61 -1.12 8.48
C ARG A 159 -6.88 0.31 8.05
N GLU A 160 -6.72 0.59 6.76
CA GLU A 160 -7.00 1.92 6.24
C GLU A 160 -8.49 2.24 6.22
N VAL A 161 -9.34 1.21 6.19
CA VAL A 161 -10.78 1.45 6.27
C VAL A 161 -11.15 2.03 7.63
N THR A 162 -10.52 1.53 8.69
CA THR A 162 -10.80 2.05 10.03
C THR A 162 -10.25 3.46 10.20
N ARG A 163 -9.06 3.72 9.69
CA ARG A 163 -8.45 5.04 9.84
C ARG A 163 -9.10 6.09 8.96
N SER A 164 -9.88 5.67 7.95
CA SER A 164 -10.56 6.59 7.06
C SER A 164 -11.96 6.96 7.54
N GLY A 165 -12.24 6.78 8.84
CA GLY A 165 -13.54 7.04 9.38
C GLY A 165 -14.51 5.88 9.36
N GLY A 166 -14.06 4.70 8.94
CA GLY A 166 -14.91 3.53 8.91
C GLY A 166 -15.95 3.60 7.80
N LEU A 167 -16.79 2.59 7.77
CA LEU A 167 -17.87 2.50 6.81
C LEU A 167 -19.16 3.08 7.39
N PRO A 168 -19.99 3.74 6.58
CA PRO A 168 -21.25 4.27 7.10
C PRO A 168 -22.24 3.18 7.46
N ASN A 169 -23.37 3.56 8.04
CA ASN A 169 -24.34 2.58 8.51
C ASN A 169 -25.03 1.87 7.35
N ASN A 170 -25.32 2.59 6.28
CA ASN A 170 -26.06 2.02 5.15
C ASN A 170 -25.16 1.41 4.08
N ILE A 171 -23.86 1.33 4.33
CA ILE A 171 -22.91 0.75 3.38
C ILE A 171 -22.20 -0.41 4.07
N VAL A 172 -22.11 -1.55 3.38
CA VAL A 172 -21.49 -2.74 3.91
C VAL A 172 -20.65 -3.41 2.83
N ASP A 173 -19.57 -4.06 3.24
CA ASP A 173 -18.74 -4.82 2.33
C ASP A 173 -19.36 -6.19 2.10
N VAL A 174 -19.55 -6.54 0.82
CA VAL A 174 -20.24 -7.78 0.49
C VAL A 174 -19.49 -8.99 1.03
N TRP A 175 -18.15 -8.93 1.04
CA TRP A 175 -17.38 -10.03 1.61
C TRP A 175 -17.65 -10.16 3.11
N GLU A 176 -17.78 -9.03 3.81
CA GLU A 176 -18.07 -9.07 5.24
C GLU A 176 -19.52 -9.44 5.50
N PHE A 177 -20.42 -9.14 4.56
CA PHE A 177 -21.82 -9.47 4.74
C PHE A 177 -22.05 -10.98 4.70
N LEU A 178 -21.29 -11.68 3.85
CA LEU A 178 -21.42 -13.13 3.71
C LEU A 178 -20.66 -13.89 4.79
N GLY A 179 -20.35 -13.25 5.92
CA GLY A 179 -19.67 -13.95 7.00
C GLY A 179 -18.18 -14.12 6.80
N LYS A 180 -17.56 -13.29 5.97
CA LYS A 180 -16.14 -13.34 5.66
C LYS A 180 -15.72 -14.73 5.20
N PRO A 181 -16.19 -15.20 4.04
CA PRO A 181 -15.78 -16.53 3.57
C PRO A 181 -14.30 -16.57 3.27
N LYS A 182 -13.65 -17.65 3.73
CA LYS A 182 -12.20 -17.76 3.65
C LYS A 182 -11.71 -18.21 2.28
N HIS A 183 -12.58 -18.72 1.42
CA HIS A 183 -12.12 -19.18 0.11
C HIS A 183 -11.81 -17.99 -0.80
N CYS A 184 -12.53 -16.89 -0.65
CA CYS A 184 -12.25 -15.68 -1.41
C CYS A 184 -11.71 -14.60 -0.48
N GLN A 185 -10.75 -14.99 0.38
CA GLN A 185 -10.25 -14.09 1.41
C GLN A 185 -9.28 -13.06 0.85
N TYR A 186 -8.48 -13.43 -0.14
CA TYR A 186 -7.45 -12.55 -0.71
C TYR A 186 -7.66 -12.42 -2.21
N THR A 187 -7.65 -11.18 -2.69
CA THR A 187 -7.75 -10.91 -4.12
C THR A 187 -6.40 -10.69 -4.79
N TRP A 188 -5.34 -10.51 -4.00
CA TRP A 188 -3.98 -10.37 -4.51
C TRP A 188 -3.06 -11.18 -3.62
N ASP A 189 -2.59 -12.32 -4.14
CA ASP A 189 -1.78 -13.27 -3.38
C ASP A 189 -0.47 -13.49 -4.13
N THR A 190 0.63 -12.97 -3.58
CA THR A 190 1.94 -13.16 -4.20
C THR A 190 2.51 -14.56 -3.99
N GLN A 191 1.87 -15.38 -3.15
CA GLN A 191 2.33 -16.75 -2.94
C GLN A 191 1.76 -17.72 -3.97
N MET A 192 0.49 -17.55 -4.33
CA MET A 192 -0.13 -18.42 -5.33
C MET A 192 -0.01 -17.83 -6.73
N ASN A 193 -0.19 -16.52 -6.88
CA ASN A 193 -0.07 -15.86 -8.17
C ASN A 193 1.37 -15.42 -8.38
N SER A 194 2.03 -16.00 -9.38
CA SER A 194 3.42 -15.70 -9.70
C SER A 194 3.48 -14.92 -11.01
N ASN A 195 2.99 -13.69 -10.96
CA ASN A 195 3.03 -12.79 -12.12
C ASN A 195 3.86 -11.54 -11.86
N LEU A 196 4.44 -11.39 -10.67
CA LEU A 196 5.31 -10.27 -10.35
C LEU A 196 6.70 -10.69 -9.93
N GLY A 197 6.95 -11.99 -9.74
CA GLY A 197 8.24 -12.44 -9.27
C GLY A 197 8.53 -12.10 -7.83
N ILE A 198 7.53 -11.68 -7.06
CA ILE A 198 7.74 -11.36 -5.65
C ILE A 198 7.95 -12.65 -4.88
N THR A 199 9.15 -12.81 -4.31
CA THR A 199 9.46 -14.03 -3.59
C THR A 199 8.69 -14.12 -2.27
N ALA A 200 8.48 -12.98 -1.61
CA ALA A 200 7.78 -12.98 -0.34
C ALA A 200 6.29 -13.23 -0.54
N ALA A 201 5.67 -13.82 0.48
CA ALA A 201 4.24 -14.14 0.45
C ALA A 201 3.45 -13.00 1.06
N CYS A 202 2.78 -12.21 0.22
CA CYS A 202 1.95 -11.10 0.65
C CYS A 202 0.52 -11.39 0.21
N LYS A 203 -0.36 -11.66 1.17
CA LYS A 203 -1.76 -11.97 0.92
C LYS A 203 -2.59 -10.76 1.35
N LEU A 204 -3.21 -10.08 0.39
CA LEU A 204 -4.02 -8.92 0.67
C LEU A 204 -5.34 -9.01 -0.08
N ARG A 205 -6.32 -8.26 0.39
CA ARG A 205 -7.67 -8.21 -0.19
C ARG A 205 -7.87 -6.81 -0.76
N PHE A 206 -7.55 -6.65 -2.04
CA PHE A 206 -7.64 -5.36 -2.71
C PHE A 206 -8.99 -5.16 -3.38
N ASP A 207 -9.41 -6.11 -4.22
CA ASP A 207 -10.68 -5.99 -4.93
C ASP A 207 -11.83 -6.16 -3.95
N ARG A 208 -12.68 -5.14 -3.85
CA ARG A 208 -13.78 -5.14 -2.90
C ARG A 208 -15.06 -4.65 -3.57
N ILE A 209 -16.17 -4.93 -2.89
CA ILE A 209 -17.51 -4.59 -3.36
C ILE A 209 -18.27 -3.93 -2.21
N PHE A 210 -18.82 -2.75 -2.46
CA PHE A 210 -19.63 -2.04 -1.49
C PHE A 210 -21.07 -2.00 -1.98
N PHE A 211 -22.01 -1.99 -1.03
CA PHE A 211 -23.43 -2.13 -1.35
C PHE A 211 -24.24 -1.15 -0.53
N ARG A 212 -25.28 -0.60 -1.15
CA ARG A 212 -26.34 0.10 -0.43
C ARG A 212 -27.60 0.07 -1.28
N ALA A 213 -28.75 0.18 -0.62
CA ALA A 213 -30.04 0.10 -1.29
C ALA A 213 -30.94 1.24 -0.79
N ALA A 214 -32.15 1.29 -1.34
CA ALA A 214 -33.10 2.33 -0.99
C ALA A 214 -34.28 1.76 -0.19
N HIS A 219 -35.12 -6.04 -2.15
CA HIS A 219 -34.81 -5.64 -3.52
C HIS A 219 -33.73 -6.54 -4.13
N ILE A 220 -32.47 -6.17 -3.92
CA ILE A 220 -31.33 -6.94 -4.39
C ILE A 220 -30.58 -7.51 -3.20
N ILE A 221 -30.21 -8.78 -3.29
CA ILE A 221 -29.55 -9.47 -2.17
C ILE A 221 -28.31 -10.19 -2.66
N PRO A 222 -27.14 -9.94 -2.05
CA PRO A 222 -25.92 -10.68 -2.41
C PRO A 222 -26.08 -12.16 -2.06
N ARG A 223 -25.93 -13.02 -3.06
CA ARG A 223 -26.10 -14.47 -2.85
C ARG A 223 -24.77 -15.16 -2.58
N SER A 224 -23.84 -15.11 -3.54
CA SER A 224 -22.59 -15.85 -3.44
C SER A 224 -21.43 -14.96 -3.85
N LEU A 225 -20.21 -15.41 -3.52
CA LEU A 225 -18.98 -14.70 -3.85
C LEU A 225 -17.92 -15.73 -4.17
N ASP A 226 -17.14 -15.47 -5.22
CA ASP A 226 -16.14 -16.44 -5.68
C ASP A 226 -14.97 -15.71 -6.32
N LEU A 227 -13.96 -16.49 -6.72
CA LEU A 227 -12.79 -15.99 -7.41
C LEU A 227 -12.66 -16.67 -8.77
N LEU A 228 -12.00 -15.98 -9.69
CA LEU A 228 -11.76 -16.53 -11.02
C LEU A 228 -10.38 -16.08 -11.51
N GLY A 229 -9.91 -16.75 -12.57
CA GLY A 229 -8.57 -16.50 -13.06
C GLY A 229 -7.49 -17.20 -12.29
N LEU A 230 -7.81 -18.34 -11.68
CA LEU A 230 -6.86 -19.08 -10.85
C LEU A 230 -6.07 -20.12 -11.63
N GLU A 231 -6.41 -20.35 -12.89
CA GLU A 231 -5.75 -21.34 -13.71
C GLU A 231 -4.67 -20.69 -14.56
N LYS A 232 -3.52 -21.36 -14.67
CA LYS A 232 -2.45 -20.89 -15.53
C LYS A 232 -2.83 -21.04 -16.99
N LEU A 233 -2.37 -20.10 -17.81
CA LEU A 233 -2.61 -20.14 -19.25
C LEU A 233 -1.58 -21.07 -19.88
N ASP A 234 -1.53 -21.09 -21.21
CA ASP A 234 -0.56 -21.93 -21.89
C ASP A 234 0.86 -21.41 -21.75
N CYS A 235 1.03 -20.11 -21.49
CA CYS A 235 2.32 -19.49 -21.33
C CYS A 235 2.86 -19.60 -19.90
N GLY A 236 2.22 -20.38 -19.04
CA GLY A 236 2.69 -20.56 -17.68
C GLY A 236 2.38 -19.42 -16.74
N ARG A 237 1.63 -18.41 -17.18
CA ARG A 237 1.28 -17.28 -16.34
C ARG A 237 -0.23 -17.23 -16.13
N PHE A 238 -0.63 -16.54 -15.06
CA PHE A 238 -2.04 -16.31 -14.79
C PHE A 238 -2.57 -15.16 -15.64
N PRO A 239 -3.88 -15.11 -15.88
CA PRO A 239 -4.45 -13.99 -16.65
C PRO A 239 -4.17 -12.63 -16.05
N SER A 240 -3.90 -12.53 -14.76
CA SER A 240 -3.60 -11.27 -14.11
C SER A 240 -2.92 -11.56 -12.78
N ASP A 241 -2.36 -10.50 -12.18
CA ASP A 241 -1.75 -10.62 -10.86
C ASP A 241 -2.79 -10.56 -9.74
N HIS A 242 -3.93 -9.94 -9.99
CA HIS A 242 -5.06 -10.01 -9.07
C HIS A 242 -5.96 -11.20 -9.44
N TRP A 243 -6.82 -11.56 -8.51
CA TRP A 243 -7.85 -12.57 -8.75
C TRP A 243 -9.15 -11.88 -9.11
N GLY A 244 -9.87 -12.45 -10.07
CA GLY A 244 -11.20 -11.97 -10.38
C GLY A 244 -12.15 -12.20 -9.22
N LEU A 245 -13.14 -11.32 -9.10
CA LEU A 245 -14.11 -11.37 -8.00
C LEU A 245 -15.51 -11.46 -8.60
N LEU A 246 -16.08 -12.65 -8.59
CA LEU A 246 -17.44 -12.89 -9.08
C LEU A 246 -18.43 -12.79 -7.93
N CYS A 247 -19.53 -12.08 -8.17
CA CYS A 247 -20.57 -11.90 -7.17
C CYS A 247 -21.91 -12.18 -7.83
N ASN A 248 -22.68 -13.10 -7.24
CA ASN A 248 -24.01 -13.43 -7.72
C ASN A 248 -25.05 -12.89 -6.75
N LEU A 249 -26.14 -12.36 -7.30
CA LEU A 249 -27.17 -11.74 -6.49
C LEU A 249 -28.54 -12.24 -6.92
N ASP A 250 -29.52 -12.04 -6.03
CA ASP A 250 -30.90 -12.40 -6.26
C ASP A 250 -31.74 -11.13 -6.36
N ILE A 251 -32.48 -10.99 -7.46
CA ILE A 251 -33.33 -9.82 -7.67
C ILE A 251 -34.73 -10.13 -7.14
N ILE A 252 -34.87 -10.02 -5.82
CA ILE A 252 -36.15 -10.28 -5.15
C ILE A 252 -37.12 -9.14 -5.41
N HIS B 3 11.19 10.65 -9.71
CA HIS B 3 12.18 9.74 -9.16
C HIS B 3 11.56 8.83 -8.09
N MET B 4 10.80 9.45 -7.17
CA MET B 4 9.96 8.80 -6.18
C MET B 4 10.70 8.45 -4.88
N PHE B 5 11.95 7.99 -4.98
CA PHE B 5 12.85 7.64 -3.88
C PHE B 5 12.20 7.43 -2.51
N SER B 6 12.10 6.17 -2.08
CA SER B 6 11.34 5.81 -0.88
C SER B 6 12.26 5.40 0.27
N LEU B 7 11.81 5.73 1.50
CA LEU B 7 12.49 5.32 2.71
C LEU B 7 11.48 4.69 3.67
N ILE B 8 11.96 3.76 4.50
CA ILE B 8 11.13 3.12 5.52
C ILE B 8 11.93 2.98 6.80
N THR B 9 11.46 3.60 7.87
CA THR B 9 12.08 3.49 9.20
C THR B 9 11.23 2.58 10.08
N TRP B 10 11.88 1.61 10.72
CA TRP B 10 11.15 0.64 11.53
C TRP B 10 12.03 0.11 12.65
N ASN B 11 11.45 0.04 13.85
CA ASN B 11 12.05 -0.63 14.99
C ASN B 11 11.38 -1.99 15.10
N ILE B 12 11.98 -2.99 14.44
CA ILE B 12 11.36 -4.32 14.34
C ILE B 12 11.28 -5.06 15.65
N ASP B 13 11.90 -4.53 16.71
CA ASP B 13 11.81 -5.09 18.07
C ASP B 13 12.32 -6.54 18.10
N GLY B 14 13.59 -6.70 17.72
CA GLY B 14 14.20 -8.01 17.72
C GLY B 14 14.45 -8.59 19.10
N LEU B 15 14.36 -7.77 20.15
CA LEU B 15 14.58 -8.27 21.50
C LEU B 15 13.42 -9.11 22.01
N ASP B 16 12.22 -8.91 21.47
CA ASP B 16 11.07 -9.74 21.82
C ASP B 16 11.16 -11.02 21.00
N LEU B 17 11.60 -12.10 21.63
CA LEU B 17 11.85 -13.36 20.94
C LEU B 17 10.60 -14.24 20.83
N ASN B 18 9.43 -13.72 21.14
CA ASN B 18 8.19 -14.46 20.97
C ASN B 18 7.64 -14.19 19.57
N ASN B 19 7.44 -15.27 18.81
CA ASN B 19 6.92 -15.19 17.44
C ASN B 19 7.79 -14.31 16.56
N LEU B 20 9.10 -14.26 16.85
CA LEU B 20 10.00 -13.39 16.10
C LEU B 20 10.22 -13.89 14.69
N SER B 21 10.01 -15.18 14.44
CA SER B 21 10.15 -15.71 13.09
C SER B 21 9.00 -15.26 12.20
N GLU B 22 7.76 -15.45 12.67
CA GLU B 22 6.60 -15.00 11.89
C GLU B 22 6.56 -13.49 11.79
N ARG B 23 6.98 -12.78 12.85
CA ARG B 23 7.03 -11.32 12.80
C ARG B 23 8.08 -10.84 11.81
N ALA B 24 9.26 -11.46 11.81
CA ALA B 24 10.29 -11.10 10.84
C ALA B 24 9.82 -11.40 9.42
N ARG B 25 9.14 -12.53 9.23
CA ARG B 25 8.58 -12.84 7.92
C ARG B 25 7.56 -11.79 7.50
N GLY B 26 6.79 -11.28 8.46
CA GLY B 26 5.84 -10.23 8.15
C GLY B 26 6.53 -8.93 7.75
N VAL B 27 7.58 -8.55 8.48
CA VAL B 27 8.34 -7.35 8.14
C VAL B 27 8.93 -7.49 6.74
N CYS B 28 9.47 -8.67 6.41
CA CYS B 28 9.98 -8.90 5.07
C CYS B 28 8.88 -8.83 4.03
N SER B 29 7.66 -9.25 4.39
CA SER B 29 6.54 -9.14 3.47
C SER B 29 6.19 -7.67 3.22
N TYR B 30 6.25 -6.84 4.26
CA TYR B 30 6.02 -5.41 4.05
C TYR B 30 7.11 -4.78 3.19
N LEU B 31 8.38 -5.13 3.46
CA LEU B 31 9.47 -4.57 2.67
C LEU B 31 9.35 -4.98 1.21
N ALA B 32 8.95 -6.23 0.94
CA ALA B 32 8.74 -6.65 -0.43
C ALA B 32 7.52 -5.99 -1.04
N LEU B 33 6.50 -5.70 -0.22
CA LEU B 33 5.28 -5.07 -0.71
C LEU B 33 5.56 -3.64 -1.18
N TYR B 34 6.14 -2.82 -0.31
CA TYR B 34 6.40 -1.44 -0.67
C TYR B 34 7.63 -1.29 -1.55
N SER B 35 8.61 -2.18 -1.40
CA SER B 35 9.87 -2.13 -2.13
C SER B 35 10.53 -0.75 -2.04
N PRO B 36 10.88 -0.30 -0.84
CA PRO B 36 11.50 1.02 -0.70
C PRO B 36 12.93 1.00 -1.22
N ASP B 37 13.49 2.21 -1.34
CA ASP B 37 14.88 2.34 -1.78
C ASP B 37 15.86 2.34 -0.63
N VAL B 38 15.48 2.88 0.53
CA VAL B 38 16.34 2.87 1.71
C VAL B 38 15.52 2.39 2.91
N ILE B 39 16.13 1.52 3.71
CA ILE B 39 15.47 0.92 4.88
C ILE B 39 16.33 1.18 6.11
N PHE B 40 15.79 1.94 7.06
CA PHE B 40 16.41 2.15 8.36
C PHE B 40 15.74 1.22 9.36
N LEU B 41 16.54 0.34 9.97
CA LEU B 41 16.02 -0.64 10.93
C LEU B 41 16.73 -0.47 12.27
N GLN B 42 15.96 -0.56 13.35
CA GLN B 42 16.49 -0.43 14.69
C GLN B 42 16.21 -1.70 15.49
N GLU B 43 16.99 -1.90 16.54
CA GLU B 43 16.86 -3.05 17.45
C GLU B 43 16.93 -4.37 16.68
N VAL B 44 18.03 -4.52 15.93
CA VAL B 44 18.24 -5.71 15.11
C VAL B 44 19.22 -6.63 15.82
N ILE B 45 18.85 -7.92 15.91
CA ILE B 45 19.70 -8.93 16.53
C ILE B 45 20.35 -9.76 15.43
N PRO B 46 21.44 -10.47 15.71
CA PRO B 46 22.13 -11.23 14.65
C PRO B 46 21.22 -12.22 13.93
N PRO B 47 20.33 -12.95 14.62
CA PRO B 47 19.42 -13.82 13.87
C PRO B 47 18.50 -13.06 12.94
N TYR B 48 17.94 -11.94 13.39
CA TYR B 48 17.10 -11.11 12.53
C TYR B 48 17.89 -10.62 11.32
N TYR B 49 19.15 -10.25 11.52
CA TYR B 49 19.98 -9.81 10.41
C TYR B 49 20.27 -10.96 9.44
N SER B 50 20.41 -12.18 9.95
CA SER B 50 20.62 -13.32 9.06
C SER B 50 19.37 -13.60 8.24
N TYR B 51 18.19 -13.52 8.86
CA TYR B 51 16.96 -13.73 8.11
C TYR B 51 16.75 -12.64 7.07
N LEU B 52 17.09 -11.39 7.40
CA LEU B 52 16.96 -10.30 6.43
C LEU B 52 17.95 -10.47 5.27
N LYS B 53 19.21 -10.76 5.59
CA LYS B 53 20.21 -10.95 4.54
C LYS B 53 19.86 -12.16 3.67
N LYS B 54 19.21 -13.16 4.24
CA LYS B 54 18.80 -14.32 3.44
C LYS B 54 17.60 -13.99 2.56
N ARG B 55 16.68 -13.17 3.06
CA ARG B 55 15.45 -12.86 2.34
C ARG B 55 15.52 -11.57 1.53
N SER B 56 16.62 -10.84 1.59
CA SER B 56 16.78 -9.57 0.85
C SER B 56 18.15 -9.57 0.17
N SER B 57 18.19 -10.05 -1.07
CA SER B 57 19.44 -10.10 -1.82
C SER B 57 19.70 -8.82 -2.61
N ASN B 58 18.66 -8.13 -3.05
CA ASN B 58 18.81 -6.91 -3.83
C ASN B 58 19.11 -5.69 -2.97
N TYR B 59 19.36 -5.88 -1.69
CA TYR B 59 19.70 -4.80 -0.76
C TYR B 59 21.07 -5.04 -0.15
N GLU B 60 21.86 -3.99 -0.05
CA GLU B 60 23.13 -4.03 0.68
C GLU B 60 22.85 -3.55 2.10
N ILE B 61 23.14 -4.41 3.08
CA ILE B 61 22.81 -4.14 4.48
C ILE B 61 24.08 -3.78 5.21
N ILE B 62 24.12 -2.59 5.79
CA ILE B 62 25.22 -2.14 6.63
C ILE B 62 24.74 -2.16 8.07
N THR B 63 25.43 -2.91 8.92
CA THR B 63 25.05 -3.08 10.31
C THR B 63 25.76 -2.07 11.20
N GLY B 64 25.12 -1.72 12.30
CA GLY B 64 25.71 -0.81 13.27
C GLY B 64 26.64 -1.48 14.26
N HIS B 65 26.59 -2.80 14.35
CA HIS B 65 27.48 -3.57 15.21
C HIS B 65 27.45 -5.01 14.74
N GLU B 66 27.78 -5.95 15.64
CA GLU B 66 27.78 -7.36 15.30
C GLU B 66 27.12 -8.18 16.41
N GLU B 67 27.48 -7.90 17.66
CA GLU B 67 26.95 -8.62 18.80
C GLU B 67 25.88 -7.79 19.49
N GLY B 68 24.98 -8.47 20.19
CA GLY B 68 23.90 -7.79 20.88
C GLY B 68 22.84 -7.29 19.91
N TYR B 69 22.38 -6.06 20.15
CA TYR B 69 21.43 -5.39 19.28
C TYR B 69 22.08 -4.17 18.65
N PHE B 70 21.60 -3.80 17.47
CA PHE B 70 22.20 -2.73 16.68
C PHE B 70 21.20 -2.25 15.63
N THR B 71 21.62 -1.25 14.86
CA THR B 71 20.83 -0.73 13.76
C THR B 71 21.37 -1.26 12.43
N ALA B 72 20.61 -1.00 11.36
CA ALA B 72 21.00 -1.46 10.04
C ALA B 72 20.40 -0.54 8.98
N ILE B 73 21.14 -0.36 7.90
CA ILE B 73 20.70 0.45 6.77
C ILE B 73 20.79 -0.40 5.51
N MET B 74 19.64 -0.63 4.87
CA MET B 74 19.55 -1.41 3.65
C MET B 74 19.39 -0.48 2.47
N LEU B 75 20.22 -0.68 1.45
CA LEU B 75 20.22 0.14 0.24
C LEU B 75 19.81 -0.71 -0.96
N LYS B 76 18.81 -0.26 -1.69
CA LYS B 76 18.38 -0.95 -2.90
C LYS B 76 19.52 -0.92 -3.94
N LYS B 77 20.13 -2.08 -4.17
CA LYS B 77 21.32 -2.14 -5.02
C LYS B 77 21.03 -1.70 -6.46
N SER B 78 19.78 -1.87 -6.92
CA SER B 78 19.43 -1.55 -8.29
C SER B 78 19.28 -0.06 -8.53
N ARG B 79 19.47 0.78 -7.51
CA ARG B 79 19.26 2.21 -7.68
C ARG B 79 20.12 3.03 -6.72
N VAL B 80 20.50 2.42 -5.60
CA VAL B 80 21.27 3.09 -4.56
C VAL B 80 22.68 2.51 -4.57
N LYS B 81 23.68 3.35 -4.83
CA LYS B 81 25.06 2.93 -4.97
C LYS B 81 25.86 3.42 -3.77
N LEU B 82 26.27 2.47 -2.93
CA LEU B 82 27.01 2.80 -1.71
C LEU B 82 28.38 3.39 -2.04
N LYS B 83 28.75 4.44 -1.32
CA LYS B 83 30.03 5.11 -1.52
C LYS B 83 30.92 5.04 -0.29
N SER B 84 30.40 5.36 0.89
CA SER B 84 31.19 5.35 2.10
C SER B 84 30.29 5.08 3.30
N GLN B 85 30.90 4.75 4.43
CA GLN B 85 30.18 4.50 5.67
C GLN B 85 31.07 4.84 6.86
N GLU B 86 30.45 5.38 7.91
CA GLU B 86 31.15 5.75 9.12
C GLU B 86 30.20 5.61 10.29
N ILE B 87 30.62 4.88 11.32
CA ILE B 87 29.82 4.66 12.51
C ILE B 87 30.40 5.54 13.63
N ILE B 88 29.70 6.62 13.95
CA ILE B 88 30.13 7.55 14.99
C ILE B 88 29.55 7.05 16.31
N PRO B 89 30.36 6.54 17.23
CA PRO B 89 29.81 6.00 18.48
C PRO B 89 29.55 7.07 19.52
N PHE B 90 28.57 6.80 20.38
CA PHE B 90 28.29 7.64 21.51
C PHE B 90 29.35 7.42 22.60
N PRO B 91 29.58 8.44 23.46
CA PRO B 91 30.64 8.30 24.48
C PRO B 91 30.31 7.29 25.57
N SER B 92 30.36 7.75 26.83
CA SER B 92 30.18 6.87 27.97
C SER B 92 28.71 6.48 28.14
N THR B 93 28.13 5.89 27.11
CA THR B 93 26.72 5.49 27.11
C THR B 93 26.62 4.00 27.43
N LYS B 94 25.86 3.66 28.46
CA LYS B 94 25.60 2.27 28.81
C LYS B 94 24.45 1.67 28.02
N MET B 95 23.82 2.44 27.14
CA MET B 95 22.71 1.93 26.33
C MET B 95 23.18 1.11 25.13
N MET B 96 24.48 1.09 24.85
CA MET B 96 25.05 0.31 23.75
C MET B 96 24.46 0.75 22.40
N ARG B 97 24.54 2.05 22.14
CA ARG B 97 24.04 2.63 20.90
C ARG B 97 25.13 3.43 20.21
N ASN B 98 24.87 3.74 18.94
CA ASN B 98 25.80 4.52 18.13
C ASN B 98 25.05 5.05 16.91
N LEU B 99 25.67 6.01 16.24
CA LEU B 99 25.11 6.61 15.03
C LEU B 99 25.70 5.89 13.82
N LEU B 100 24.84 5.35 12.97
CA LEU B 100 25.26 4.70 11.73
C LEU B 100 25.09 5.69 10.59
N CYS B 101 26.21 6.12 10.02
CA CYS B 101 26.23 7.07 8.92
C CYS B 101 26.66 6.37 7.64
N VAL B 102 25.98 6.69 6.53
CA VAL B 102 26.25 6.08 5.23
C VAL B 102 26.19 7.18 4.18
N HIS B 103 27.32 7.47 3.55
CA HIS B 103 27.38 8.42 2.45
C HIS B 103 27.11 7.66 1.15
N VAL B 104 26.07 8.08 0.43
CA VAL B 104 25.60 7.35 -0.74
C VAL B 104 25.35 8.32 -1.89
N ASN B 105 25.06 7.76 -3.06
CA ASN B 105 24.74 8.54 -4.26
C ASN B 105 23.59 7.86 -4.99
N VAL B 106 22.49 8.60 -5.16
CA VAL B 106 21.30 8.08 -5.83
C VAL B 106 20.93 9.03 -6.97
N SER B 107 20.82 8.46 -8.18
CA SER B 107 20.46 9.23 -9.38
C SER B 107 21.36 10.46 -9.56
N GLY B 108 22.66 10.27 -9.30
CA GLY B 108 23.62 11.33 -9.47
C GLY B 108 23.62 12.36 -8.36
N ASN B 109 22.81 12.19 -7.33
CA ASN B 109 22.75 13.12 -6.21
C ASN B 109 23.48 12.52 -5.02
N GLU B 110 24.17 13.37 -4.26
CA GLU B 110 24.84 12.92 -3.05
C GLU B 110 23.88 12.97 -1.86
N LEU B 111 23.94 11.96 -1.02
CA LEU B 111 23.09 11.86 0.16
C LEU B 111 23.92 11.34 1.33
N CYS B 112 23.48 11.69 2.54
CA CYS B 112 24.10 11.22 3.77
C CYS B 112 22.99 10.66 4.65
N LEU B 113 22.77 9.36 4.56
CA LEU B 113 21.71 8.68 5.30
C LEU B 113 22.24 8.21 6.65
N MET B 114 21.62 8.69 7.73
CA MET B 114 22.04 8.32 9.08
C MET B 114 20.86 7.73 9.85
N THR B 115 21.17 6.75 10.71
CA THR B 115 20.18 6.17 11.60
C THR B 115 20.77 6.02 12.99
N SER B 116 19.90 5.94 13.99
CA SER B 116 20.32 5.80 15.37
C SER B 116 19.15 5.32 16.21
N HIS B 117 19.48 4.85 17.42
CA HIS B 117 18.48 4.38 18.39
C HIS B 117 18.86 4.97 19.75
N LEU B 118 18.37 6.17 20.01
CA LEU B 118 18.75 6.92 21.21
C LEU B 118 18.26 6.21 22.47
N GLY B 123 21.15 5.29 31.47
CA GLY B 123 20.55 6.60 31.32
C GLY B 123 19.04 6.54 31.18
N HIS B 124 18.42 7.68 30.92
CA HIS B 124 16.97 7.75 30.76
C HIS B 124 16.57 8.78 29.73
N ALA B 125 16.87 10.06 30.02
CA ALA B 125 16.53 11.15 29.11
C ALA B 125 17.66 12.15 28.89
N ALA B 126 18.52 12.42 29.88
CA ALA B 126 19.64 13.33 29.67
C ALA B 126 20.60 12.80 28.62
N GLU B 127 20.90 11.50 28.67
CA GLU B 127 21.77 10.91 27.66
C GLU B 127 21.09 10.89 26.29
N ARG B 128 19.76 10.74 26.26
CA ARG B 128 19.04 10.86 24.99
C ARG B 128 19.17 12.26 24.42
N MET B 129 19.09 13.28 25.27
CA MET B 129 19.27 14.66 24.79
C MET B 129 20.70 14.88 24.29
N ASN B 130 21.70 14.39 25.02
CA ASN B 130 23.08 14.53 24.58
C ASN B 130 23.31 13.85 23.24
N GLN B 131 22.78 12.63 23.08
CA GLN B 131 22.91 11.93 21.80
C GLN B 131 22.15 12.65 20.69
N LEU B 132 21.03 13.28 21.01
CA LEU B 132 20.31 14.07 20.01
C LEU B 132 21.16 15.24 19.55
N LYS B 133 21.81 15.93 20.50
CA LYS B 133 22.70 17.03 20.13
C LYS B 133 23.86 16.52 19.27
N MET B 134 24.38 15.33 19.57
CA MET B 134 25.46 14.78 18.77
C MET B 134 24.97 14.41 17.36
N VAL B 135 23.73 13.93 17.25
CA VAL B 135 23.17 13.62 15.94
C VAL B 135 22.99 14.89 15.12
N LEU B 136 22.50 15.95 15.75
CA LEU B 136 22.33 17.22 15.04
C LEU B 136 23.68 17.79 14.61
N LYS B 137 24.69 17.69 15.48
CA LYS B 137 26.01 18.19 15.13
C LYS B 137 26.61 17.40 13.97
N LYS B 138 26.50 16.08 14.01
CA LYS B 138 26.97 15.25 12.90
C LYS B 138 26.16 15.50 11.64
N MET B 139 24.91 15.96 11.77
CA MET B 139 24.13 16.33 10.60
C MET B 139 24.64 17.63 9.99
N GLN B 140 24.97 18.61 10.83
CA GLN B 140 25.47 19.88 10.33
C GLN B 140 26.86 19.72 9.71
N GLU B 141 27.69 18.85 10.30
CA GLU B 141 29.05 18.63 9.83
C GLU B 141 29.14 17.73 8.60
N ALA B 142 28.04 17.55 7.88
CA ALA B 142 28.07 16.75 6.66
C ALA B 142 28.41 17.64 5.47
N PRO B 143 28.90 17.04 4.37
CA PRO B 143 29.22 17.85 3.19
C PRO B 143 28.02 18.64 2.69
N GLU B 144 28.28 19.89 2.28
CA GLU B 144 27.21 20.77 1.82
C GLU B 144 26.72 20.38 0.44
N SER B 145 27.51 19.63 -0.32
CA SER B 145 27.08 19.17 -1.63
C SER B 145 26.08 18.02 -1.54
N ALA B 146 25.96 17.39 -0.37
CA ALA B 146 25.08 16.25 -0.18
C ALA B 146 23.82 16.64 0.57
N THR B 147 22.79 15.80 0.43
CA THR B 147 21.53 15.97 1.12
C THR B 147 21.51 15.03 2.34
N VAL B 148 21.46 15.62 3.53
CA VAL B 148 21.53 14.86 4.77
C VAL B 148 20.13 14.40 5.15
N ILE B 149 19.98 13.11 5.41
CA ILE B 149 18.70 12.53 5.80
C ILE B 149 18.94 11.59 6.98
N PHE B 150 18.46 11.98 8.16
CA PHE B 150 18.45 11.12 9.33
C PHE B 150 17.08 10.47 9.46
N ALA B 151 17.04 9.27 10.03
CA ALA B 151 15.79 8.56 10.22
C ALA B 151 15.97 7.39 11.18
N GLY B 152 15.23 7.39 12.29
CA GLY B 152 15.38 6.29 13.24
C GLY B 152 14.50 6.49 14.45
N ASP B 153 14.69 5.58 15.41
CA ASP B 153 13.96 5.62 16.68
C ASP B 153 14.65 6.63 17.60
N THR B 154 14.01 7.79 17.78
CA THR B 154 14.62 8.87 18.55
C THR B 154 14.42 8.75 20.06
N ASN B 155 13.44 7.97 20.51
CA ASN B 155 13.12 7.85 21.94
C ASN B 155 12.77 9.23 22.52
N LEU B 156 12.03 10.00 21.75
CA LEU B 156 11.66 11.38 22.05
C LEU B 156 10.21 11.46 22.52
N ARG B 157 9.88 12.54 23.22
CA ARG B 157 8.54 12.72 23.74
C ARG B 157 8.16 14.19 23.86
N GLU B 160 11.22 16.56 24.57
CA GLU B 160 12.52 17.20 24.71
C GLU B 160 12.98 17.88 23.42
N VAL B 161 12.07 18.03 22.44
CA VAL B 161 12.45 18.64 21.16
C VAL B 161 12.91 20.07 21.38
N THR B 162 12.12 20.85 22.14
CA THR B 162 12.51 22.23 22.42
C THR B 162 13.62 22.32 23.46
N ARG B 163 13.71 21.33 24.36
CA ARG B 163 14.79 21.32 25.34
C ARG B 163 16.14 21.00 24.74
N SER B 164 16.18 20.53 23.49
CA SER B 164 17.44 20.22 22.83
C SER B 164 18.13 21.50 22.34
N LEU B 167 16.07 23.11 17.44
CA LEU B 167 16.61 22.64 16.17
C LEU B 167 17.14 23.80 15.33
N PRO B 168 18.22 23.55 14.59
CA PRO B 168 18.78 24.60 13.73
C PRO B 168 17.84 24.92 12.57
N ASN B 169 18.22 25.95 11.80
CA ASN B 169 17.38 26.40 10.70
C ASN B 169 17.41 25.41 9.54
N ASN B 170 18.56 24.81 9.27
CA ASN B 170 18.69 23.92 8.12
C ASN B 170 18.06 22.56 8.36
N ILE B 171 17.99 22.12 9.62
CA ILE B 171 17.42 20.82 9.95
C ILE B 171 15.92 20.99 10.16
N VAL B 172 15.12 20.11 9.54
CA VAL B 172 13.67 20.15 9.63
C VAL B 172 13.13 18.75 9.81
N ASP B 173 12.02 18.64 10.54
CA ASP B 173 11.32 17.38 10.70
C ASP B 173 10.39 17.14 9.53
N VAL B 174 10.52 15.97 8.89
CA VAL B 174 9.70 15.66 7.71
C VAL B 174 8.22 15.65 8.08
N TRP B 175 7.90 15.14 9.28
CA TRP B 175 6.51 15.15 9.73
C TRP B 175 6.02 16.58 9.96
N GLU B 176 6.87 17.44 10.50
CA GLU B 176 6.49 18.83 10.70
C GLU B 176 6.52 19.62 9.39
N PHE B 177 7.36 19.22 8.44
CA PHE B 177 7.44 19.94 7.17
C PHE B 177 6.20 19.72 6.32
N LEU B 178 5.61 18.54 6.38
CA LEU B 178 4.43 18.20 5.60
C LEU B 178 3.13 18.70 6.21
N GLY B 179 3.19 19.71 7.09
CA GLY B 179 1.99 20.25 7.69
C GLY B 179 1.41 19.43 8.82
N LYS B 180 2.21 18.59 9.46
CA LYS B 180 1.79 17.73 10.56
C LYS B 180 0.59 16.89 10.17
N PRO B 181 0.74 15.95 9.23
CA PRO B 181 -0.41 15.10 8.84
C PRO B 181 -0.84 14.22 10.00
N LYS B 182 -2.16 14.15 10.21
CA LYS B 182 -2.70 13.44 11.36
C LYS B 182 -2.80 11.94 11.15
N HIS B 183 -2.67 11.45 9.91
CA HIS B 183 -2.78 10.02 9.68
C HIS B 183 -1.55 9.26 10.16
N CYS B 184 -0.37 9.88 10.09
CA CYS B 184 0.84 9.27 10.60
C CYS B 184 1.32 10.01 11.85
N GLN B 185 0.41 10.28 12.77
CA GLN B 185 0.73 11.10 13.93
C GLN B 185 1.51 10.32 15.00
N TYR B 186 1.21 9.04 15.17
CA TYR B 186 1.83 8.24 16.22
C TYR B 186 2.49 7.01 15.62
N THR B 187 3.76 6.78 15.96
CA THR B 187 4.49 5.60 15.56
C THR B 187 4.55 4.53 16.62
N TRP B 188 4.18 4.85 17.86
CA TRP B 188 4.14 3.89 18.96
C TRP B 188 2.85 4.11 19.74
N ASP B 189 1.90 3.20 19.61
CA ASP B 189 0.57 3.36 20.20
C ASP B 189 0.23 2.09 20.98
N THR B 190 0.18 2.20 22.31
CA THR B 190 -0.17 1.06 23.15
C THR B 190 -1.66 0.73 23.12
N GLN B 191 -2.47 1.57 22.47
CA GLN B 191 -3.90 1.33 22.34
C GLN B 191 -4.23 0.43 21.16
N MET B 192 -3.57 0.63 20.03
CA MET B 192 -3.79 -0.18 18.84
C MET B 192 -2.83 -1.36 18.78
N ASN B 193 -1.56 -1.16 19.15
CA ASN B 193 -0.57 -2.22 19.14
C ASN B 193 -0.57 -2.91 20.49
N SER B 194 -0.92 -4.19 20.49
CA SER B 194 -1.00 -4.99 21.70
C SER B 194 0.13 -6.02 21.71
N ASN B 195 1.36 -5.53 21.82
CA ASN B 195 2.52 -6.39 21.89
C ASN B 195 3.27 -6.20 23.21
N CYS B 202 -1.09 4.98 25.70
CA CYS B 202 0.05 5.85 25.48
C CYS B 202 0.38 5.99 24.01
N LYS B 203 0.12 7.17 23.44
CA LYS B 203 0.37 7.46 22.03
C LYS B 203 1.58 8.39 21.93
N LEU B 204 2.67 7.87 21.37
CA LEU B 204 3.89 8.63 21.18
C LEU B 204 4.43 8.39 19.78
N ARG B 205 5.28 9.30 19.33
CA ARG B 205 5.92 9.24 18.02
C ARG B 205 7.43 9.14 18.24
N PHE B 206 7.90 7.92 18.49
CA PHE B 206 9.32 7.69 18.70
C PHE B 206 10.09 7.75 17.37
N ASP B 207 9.65 6.99 16.38
CA ASP B 207 10.33 6.95 15.10
C ASP B 207 10.14 8.26 14.36
N ARG B 208 11.25 8.94 14.05
CA ARG B 208 11.20 10.24 13.40
C ARG B 208 12.24 10.29 12.29
N ILE B 209 12.07 11.29 11.42
CA ILE B 209 12.93 11.51 10.27
C ILE B 209 13.31 12.98 10.24
N PHE B 210 14.62 13.26 10.18
CA PHE B 210 15.15 14.61 10.09
C PHE B 210 15.78 14.84 8.72
N PHE B 211 15.75 16.10 8.30
CA PHE B 211 16.17 16.48 6.96
C PHE B 211 17.06 17.71 6.99
N HIS B 219 17.79 18.70 -6.36
CA HIS B 219 17.81 18.30 -4.96
C HIS B 219 16.69 17.30 -4.66
N ILE B 220 16.56 16.92 -3.40
CA ILE B 220 15.54 15.99 -2.94
C ILE B 220 14.53 16.73 -2.06
N ILE B 221 13.26 16.46 -2.29
CA ILE B 221 12.18 17.14 -1.57
C ILE B 221 11.23 16.09 -0.98
N PRO B 222 10.98 16.13 0.32
CA PRO B 222 10.01 15.19 0.91
C PRO B 222 8.61 15.43 0.36
N ARG B 223 8.03 14.37 -0.21
CA ARG B 223 6.71 14.45 -0.83
C ARG B 223 5.60 13.99 0.13
N SER B 224 5.64 12.73 0.56
CA SER B 224 4.56 12.16 1.35
C SER B 224 5.14 11.38 2.53
N LEU B 225 4.27 11.07 3.48
CA LEU B 225 4.63 10.34 4.69
C LEU B 225 3.48 9.41 5.06
N ASP B 226 3.81 8.18 5.47
CA ASP B 226 2.79 7.19 5.74
C ASP B 226 3.28 6.22 6.81
N LEU B 227 2.39 5.33 7.22
CA LEU B 227 2.67 4.27 8.19
C LEU B 227 2.43 2.91 7.55
N LEU B 228 3.11 1.91 8.10
CA LEU B 228 2.94 0.54 7.63
C LEU B 228 3.06 -0.41 8.80
N GLY B 229 2.47 -1.60 8.65
CA GLY B 229 2.50 -2.61 9.68
C GLY B 229 1.36 -2.55 10.67
N LEU B 230 0.20 -2.05 10.25
CA LEU B 230 -0.95 -1.86 11.14
C LEU B 230 -1.87 -3.07 11.19
N GLU B 231 -1.51 -4.17 10.53
CA GLU B 231 -2.34 -5.37 10.51
C GLU B 231 -1.71 -6.46 11.36
N LYS B 232 -2.55 -7.18 12.11
CA LYS B 232 -2.08 -8.31 12.89
C LYS B 232 -1.73 -9.46 11.96
N LEU B 233 -0.70 -10.22 12.33
CA LEU B 233 -0.27 -11.36 11.54
C LEU B 233 -1.15 -12.56 11.87
N ASP B 234 -0.75 -13.75 11.37
CA ASP B 234 -1.53 -14.95 11.64
C ASP B 234 -1.40 -15.41 13.08
N CYS B 235 -0.33 -15.03 13.78
CA CYS B 235 -0.14 -15.39 15.18
C CYS B 235 -0.82 -14.42 16.13
N GLY B 236 -1.64 -13.51 15.62
CA GLY B 236 -2.35 -12.56 16.43
C GLY B 236 -1.54 -11.39 16.93
N ARG B 237 -0.27 -11.27 16.51
CA ARG B 237 0.58 -10.18 16.93
C ARG B 237 0.98 -9.34 15.73
N PHE B 238 1.36 -8.10 16.00
CA PHE B 238 1.85 -7.20 14.96
C PHE B 238 3.31 -7.50 14.65
N PRO B 239 3.80 -7.12 13.47
CA PRO B 239 5.20 -7.37 13.14
C PRO B 239 6.18 -6.75 14.12
N SER B 240 5.78 -5.70 14.83
CA SER B 240 6.64 -5.06 15.82
C SER B 240 5.77 -4.24 16.76
N ASP B 241 6.38 -3.81 17.86
CA ASP B 241 5.67 -2.93 18.80
C ASP B 241 5.54 -1.52 18.24
N HIS B 242 6.49 -1.09 17.42
CA HIS B 242 6.43 0.20 16.75
C HIS B 242 5.71 0.06 15.40
N TRP B 243 5.31 1.21 14.86
CA TRP B 243 4.74 1.26 13.52
C TRP B 243 5.82 1.65 12.52
N GLY B 244 5.79 1.04 11.35
CA GLY B 244 6.69 1.45 10.29
C GLY B 244 6.36 2.85 9.79
N LEU B 245 7.40 3.56 9.34
CA LEU B 245 7.27 4.94 8.88
C LEU B 245 7.85 5.02 7.47
N LEU B 246 6.97 5.06 6.46
CA LEU B 246 7.39 5.19 5.08
C LEU B 246 7.41 6.65 4.66
N CYS B 247 8.47 7.05 3.96
CA CYS B 247 8.63 8.43 3.49
C CYS B 247 9.04 8.42 2.03
N ASN B 248 8.27 9.13 1.20
CA ASN B 248 8.55 9.27 -0.22
C ASN B 248 9.02 10.70 -0.50
N LEU B 249 10.00 10.81 -1.40
CA LEU B 249 10.61 12.09 -1.74
C LEU B 249 10.68 12.25 -3.25
N ASP B 250 10.88 13.49 -3.69
CA ASP B 250 11.04 13.79 -5.11
C ASP B 250 12.49 14.23 -5.34
N ILE B 251 13.19 13.51 -6.21
CA ILE B 251 14.58 13.83 -6.55
C ILE B 251 14.58 14.66 -7.83
N ILE B 252 14.30 15.95 -7.67
CA ILE B 252 14.27 16.91 -8.78
C ILE B 252 13.33 16.45 -9.89
#